data_7KLF
#
_entry.id   7KLF
#
_cell.length_a   99.520
_cell.length_b   102.373
_cell.length_c   52.959
_cell.angle_alpha   90.000
_cell.angle_beta   90.000
_cell.angle_gamma   90.000
#
_symmetry.space_group_name_H-M   'P 21 21 2'
#
loop_
_entity.id
_entity.type
_entity.pdbx_description
1 polymer 'DNA polymerase IV'
2 polymer "DNA (5'-D(*CP*TP*AP*AP*CP*GP*GP*AP*AP*TP*CP*CP*TP*TP*CP*CP*CP*CP*C)-3')"
3 polymer "DNA (5'-D(*GP*GP*GP*GP*GP*AP*AP*GP*GP*AP*TP*TP*C)-3')"
4 non-polymer 'CALCIUM ION'
5 non-polymer "2'-DEOXYCYTIDINE-5'-TRIPHOSPHATE"
6 water water
#
loop_
_entity_poly.entity_id
_entity_poly.type
_entity_poly.pdbx_seq_one_letter_code
_entity_poly.pdbx_strand_id
1 'polypeptide(L)'
;MIVLFVDFDYFYAQVEEVLNPSLKGKPVVVCVFSGRFEDSGAVATANYEARKFGVKAGIPIVEAKKILPNAVYLPMRKEV
YQQVSSRIMNLLREYSEKIEIASIDEAYLDISDKVRDYREAYNLGLEIKNKILEKEKITVTVGISKNKVFAKIAADMAKP
NGIKVIDDEEVKRLIRELDIADVPGIGNITAEKLKKLGINKLVDTLSIEFDKLKGMIGEAKAKYLISLARDEYNEPIRTR
VRKSIGRIVTMKRNSRNLEEIKPYLFRAIEESYYKLDKRIPKAIHVVAVTEDLDIVSRGRTFPHGISKETAYSESVKLLQ
KILEEDERKIRRIGVRFSKFI
;
A
2 'polydeoxyribonucleotide' (DC)(DT)(DA)(DA)(DC)(DG)(DG)(DA)(DA)(DT)(DC)(DC)(DT)(DT)(DC)(DC)(DC)(DC)(DC) T
3 'polydeoxyribonucleotide' (DG)(DG)(DG)(DG)(DG)(DA)(DA)(DG)(DG)(DA)(DT)(DT)(DC) P
#
loop_
_chem_comp.id
_chem_comp.type
_chem_comp.name
_chem_comp.formula
CA non-polymer 'CALCIUM ION' 'Ca 2'
DA DNA linking 2'-DEOXYADENOSINE-5'-MONOPHOSPHATE 'C10 H14 N5 O6 P'
DC DNA linking 2'-DEOXYCYTIDINE-5'-MONOPHOSPHATE 'C9 H14 N3 O7 P'
DCP non-polymer 2'-DEOXYCYTIDINE-5'-TRIPHOSPHATE 'C9 H16 N3 O13 P3'
DG DNA linking 2'-DEOXYGUANOSINE-5'-MONOPHOSPHATE 'C10 H14 N5 O7 P'
DT DNA linking THYMIDINE-5'-MONOPHOSPHATE 'C10 H15 N2 O8 P'
#
# COMPACT_ATOMS: atom_id res chain seq x y z
N MET A 1 -6.74 2.15 24.62
CA MET A 1 -5.70 2.72 23.78
C MET A 1 -6.11 4.07 23.20
N ILE A 2 -5.11 4.85 22.79
CA ILE A 2 -5.30 6.05 21.99
C ILE A 2 -4.31 5.96 20.84
N VAL A 3 -4.82 5.78 19.63
CA VAL A 3 -4.01 5.56 18.44
C VAL A 3 -4.03 6.84 17.61
N LEU A 4 -2.84 7.28 17.19
CA LEU A 4 -2.69 8.43 16.30
C LEU A 4 -2.12 7.94 14.97
N PHE A 5 -2.87 8.17 13.90
CA PHE A 5 -2.53 7.68 12.56
C PHE A 5 -2.19 8.86 11.67
N VAL A 6 -1.08 8.74 10.94
CA VAL A 6 -0.59 9.80 10.06
C VAL A 6 -0.61 9.29 8.62
N ASP A 7 -1.14 10.11 7.72
CA ASP A 7 -1.27 9.76 6.31
C ASP A 7 -0.85 10.96 5.48
N PHE A 8 0.20 10.81 4.68
CA PHE A 8 0.75 11.94 3.94
C PHE A 8 -0.16 12.26 2.75
N ASP A 9 -0.47 13.54 2.57
CA ASP A 9 -1.39 13.94 1.52
C ASP A 9 -0.72 13.84 0.15
N TYR A 10 -1.46 13.25 -0.82
CA TYR A 10 -1.03 13.02 -2.20
C TYR A 10 0.49 12.93 -2.32
N PHE A 11 1.07 11.91 -1.68
CA PHE A 11 2.47 11.96 -1.29
C PHE A 11 3.40 12.14 -2.48
N TYR A 12 3.31 11.26 -3.48
CA TYR A 12 4.24 11.32 -4.60
C TYR A 12 4.14 12.66 -5.32
N ALA A 13 2.91 13.12 -5.57
CA ALA A 13 2.74 14.41 -6.22
C ALA A 13 3.24 15.55 -5.35
N GLN A 14 2.97 15.49 -4.03
CA GLN A 14 3.37 16.58 -3.15
C GLN A 14 4.89 16.69 -3.04
N VAL A 15 5.59 15.54 -3.01
CA VAL A 15 7.06 15.59 -2.97
C VAL A 15 7.60 16.27 -4.22
N GLU A 16 7.02 15.97 -5.39
CA GLU A 16 7.45 16.63 -6.61
C GLU A 16 7.18 18.14 -6.55
N GLU A 17 6.08 18.54 -5.90
CA GLU A 17 5.79 19.96 -5.80
C GLU A 17 6.70 20.66 -4.79
N VAL A 18 7.12 19.96 -3.74
CA VAL A 18 8.09 20.55 -2.81
C VAL A 18 9.43 20.74 -3.50
N LEU A 19 9.84 19.78 -4.33
CA LEU A 19 11.11 19.89 -5.04
C LEU A 19 11.03 20.83 -6.24
N ASN A 20 9.84 21.16 -6.70
CA ASN A 20 9.65 22.13 -7.79
C ASN A 20 8.41 22.96 -7.46
N PRO A 21 8.57 24.03 -6.67
CA PRO A 21 7.41 24.80 -6.21
C PRO A 21 6.65 25.48 -7.34
N SER A 22 7.22 25.60 -8.54
CA SER A 22 6.44 26.12 -9.66
C SER A 22 5.28 25.21 -10.02
N LEU A 23 5.27 23.97 -9.53
CA LEU A 23 4.16 23.05 -9.74
C LEU A 23 2.93 23.40 -8.92
N LYS A 24 3.06 24.27 -7.92
CA LYS A 24 1.94 24.65 -7.07
C LYS A 24 0.78 25.17 -7.91
N GLY A 25 -0.42 24.68 -7.63
CA GLY A 25 -1.63 25.15 -8.27
C GLY A 25 -2.00 24.45 -9.56
N LYS A 26 -1.10 23.63 -10.12
CA LYS A 26 -1.37 22.96 -11.38
C LYS A 26 -1.72 21.49 -11.14
N PRO A 27 -2.48 20.87 -12.06
CA PRO A 27 -2.71 19.42 -11.97
C PRO A 27 -1.42 18.66 -12.27
N VAL A 28 -0.97 17.88 -11.31
CA VAL A 28 0.26 17.09 -11.44
C VAL A 28 -0.11 15.62 -11.38
N VAL A 29 0.41 14.84 -12.34
CA VAL A 29 0.12 13.42 -12.45
C VAL A 29 1.45 12.66 -12.44
N VAL A 30 1.59 11.74 -11.48
CA VAL A 30 2.79 10.92 -11.36
C VAL A 30 2.51 9.58 -12.03
N CYS A 31 3.31 9.23 -13.02
CA CYS A 31 3.02 8.13 -13.92
C CYS A 31 4.05 7.01 -13.77
N VAL A 32 3.63 5.80 -14.10
CA VAL A 32 4.49 4.61 -14.13
C VAL A 32 4.52 4.14 -15.58
N PHE A 33 5.53 4.57 -16.33
CA PHE A 33 5.64 4.21 -17.73
C PHE A 33 6.17 2.78 -17.87
N SER A 34 5.39 1.93 -18.54
CA SER A 34 5.80 0.54 -18.75
C SER A 34 6.78 0.39 -19.92
N GLY A 35 6.87 1.39 -20.78
CA GLY A 35 7.81 1.37 -21.89
C GLY A 35 7.38 0.57 -23.10
N ARG A 36 6.18 -0.04 -23.06
CA ARG A 36 5.76 -0.87 -24.20
C ARG A 36 5.36 -0.01 -25.39
N PHE A 37 4.63 1.08 -25.15
CA PHE A 37 4.36 2.04 -26.20
C PHE A 37 4.26 3.43 -25.57
N GLU A 38 4.09 4.44 -26.43
CA GLU A 38 4.04 5.82 -25.97
C GLU A 38 2.87 6.01 -24.99
N ASP A 39 3.19 6.50 -23.81
CA ASP A 39 2.22 6.76 -22.73
C ASP A 39 1.54 5.49 -22.25
N SER A 40 2.19 4.34 -22.41
CA SER A 40 1.69 3.10 -21.82
C SER A 40 2.06 3.06 -20.35
N GLY A 41 1.11 2.71 -19.50
CA GLY A 41 1.33 2.63 -18.08
C GLY A 41 0.12 3.11 -17.33
N ALA A 42 0.30 3.29 -16.01
CA ALA A 42 -0.77 3.67 -15.12
C ALA A 42 -0.35 4.89 -14.30
N VAL A 43 -1.34 5.52 -13.68
CA VAL A 43 -1.11 6.66 -12.81
C VAL A 43 -0.85 6.15 -11.40
N ALA A 44 0.29 6.54 -10.82
CA ALA A 44 0.57 6.18 -9.44
C ALA A 44 -0.28 7.02 -8.48
N THR A 45 -0.35 8.33 -8.72
CA THR A 45 -1.22 9.23 -7.97
C THR A 45 -1.23 10.57 -8.68
N ALA A 46 -2.13 11.44 -8.24
CA ALA A 46 -2.22 12.79 -8.75
C ALA A 46 -2.64 13.72 -7.62
N ASN A 47 -2.24 14.98 -7.70
CA ASN A 47 -2.67 15.95 -6.71
C ASN A 47 -4.18 16.21 -6.87
N TYR A 48 -4.73 16.98 -5.94
CA TYR A 48 -6.17 17.19 -5.93
C TYR A 48 -6.64 18.08 -7.08
N GLU A 49 -5.77 18.93 -7.63
CA GLU A 49 -6.13 19.69 -8.83
C GLU A 49 -6.42 18.76 -10.00
N ALA A 50 -5.63 17.68 -10.14
CA ALA A 50 -5.90 16.70 -11.18
C ALA A 50 -6.95 15.67 -10.75
N ARG A 51 -6.97 15.32 -9.45
CA ARG A 51 -7.88 14.30 -8.97
C ARG A 51 -9.33 14.77 -9.00
N LYS A 52 -9.58 16.08 -8.97
CA LYS A 52 -10.95 16.59 -9.01
C LYS A 52 -11.64 16.30 -10.33
N PHE A 53 -10.88 16.10 -11.42
CA PHE A 53 -11.46 15.85 -12.73
C PHE A 53 -11.47 14.37 -13.09
N GLY A 54 -11.19 13.49 -12.14
CA GLY A 54 -11.22 12.06 -12.38
C GLY A 54 -9.90 11.40 -12.65
N VAL A 55 -8.80 12.14 -12.55
CA VAL A 55 -7.46 11.57 -12.74
C VAL A 55 -7.01 11.07 -11.37
N LYS A 56 -7.20 9.78 -11.13
CA LYS A 56 -6.84 9.15 -9.87
C LYS A 56 -5.89 7.98 -10.12
N ALA A 57 -5.44 7.37 -9.03
CA ALA A 57 -4.49 6.27 -9.12
C ALA A 57 -5.12 5.06 -9.80
N GLY A 58 -4.33 4.38 -10.64
CA GLY A 58 -4.72 3.13 -11.26
C GLY A 58 -5.15 3.25 -12.71
N ILE A 59 -5.72 4.38 -13.10
CA ILE A 59 -6.25 4.54 -14.45
C ILE A 59 -5.10 4.65 -15.45
N PRO A 60 -5.30 4.27 -16.71
CA PRO A 60 -4.21 4.37 -17.69
C PRO A 60 -3.78 5.81 -17.93
N ILE A 61 -2.51 5.96 -18.28
CA ILE A 61 -1.96 7.29 -18.56
C ILE A 61 -2.68 7.93 -19.74
N VAL A 62 -2.97 7.13 -20.78
CA VAL A 62 -3.59 7.67 -21.98
C VAL A 62 -5.02 8.13 -21.68
N GLU A 63 -5.67 7.52 -20.68
CA GLU A 63 -6.99 8.01 -20.27
C GLU A 63 -6.88 9.31 -19.48
N ALA A 64 -5.80 9.48 -18.72
CA ALA A 64 -5.60 10.72 -17.98
C ALA A 64 -5.34 11.89 -18.93
N LYS A 65 -4.66 11.62 -20.06
CA LYS A 65 -4.37 12.69 -21.00
C LYS A 65 -5.59 13.06 -21.85
N LYS A 66 -6.54 12.14 -22.03
CA LYS A 66 -7.80 12.50 -22.65
C LYS A 66 -8.61 13.42 -21.75
N ILE A 67 -8.45 13.29 -20.43
CA ILE A 67 -9.18 14.15 -19.49
C ILE A 67 -8.45 15.47 -19.29
N LEU A 68 -7.14 15.41 -19.01
CA LEU A 68 -6.33 16.59 -18.76
C LEU A 68 -5.11 16.54 -19.68
N PRO A 69 -5.26 16.98 -20.93
CA PRO A 69 -4.11 16.94 -21.85
C PRO A 69 -3.02 17.94 -21.50
N ASN A 70 -3.31 18.96 -20.70
CA ASN A 70 -2.34 20.00 -20.36
C ASN A 70 -1.81 19.87 -18.94
N ALA A 71 -2.08 18.76 -18.27
CA ALA A 71 -1.54 18.56 -16.93
C ALA A 71 -0.05 18.23 -17.01
N VAL A 72 0.62 18.34 -15.87
CA VAL A 72 2.03 18.00 -15.76
C VAL A 72 2.15 16.51 -15.46
N TYR A 73 2.80 15.77 -16.35
CA TYR A 73 2.97 14.33 -16.22
C TYR A 73 4.44 14.04 -15.91
N LEU A 74 4.69 13.53 -14.70
CA LEU A 74 6.03 13.27 -14.22
C LEU A 74 6.24 11.77 -14.01
N PRO A 75 7.42 11.25 -14.34
CA PRO A 75 7.69 9.84 -14.07
C PRO A 75 7.93 9.61 -12.58
N MET A 76 7.50 8.44 -12.12
CA MET A 76 7.61 8.12 -10.70
C MET A 76 9.08 7.99 -10.29
N ARG A 77 9.47 8.76 -9.28
CA ARG A 77 10.82 8.70 -8.72
C ARG A 77 10.70 8.18 -7.29
N LYS A 78 10.51 6.86 -7.17
CA LYS A 78 10.15 6.28 -5.88
C LYS A 78 11.26 6.40 -4.85
N GLU A 79 12.52 6.32 -5.26
CA GLU A 79 13.61 6.45 -4.31
C GLU A 79 13.67 7.85 -3.72
N VAL A 80 13.29 8.87 -4.48
CA VAL A 80 13.18 10.21 -3.93
C VAL A 80 12.09 10.27 -2.87
N TYR A 81 10.92 9.70 -3.18
CA TYR A 81 9.83 9.69 -2.22
C TYR A 81 10.17 8.83 -1.01
N GLN A 82 10.91 7.74 -1.21
CA GLN A 82 11.28 6.89 -0.09
C GLN A 82 12.21 7.61 0.88
N GLN A 83 13.18 8.37 0.36
CA GLN A 83 14.09 9.07 1.24
C GLN A 83 13.40 10.21 1.98
N VAL A 84 12.48 10.91 1.31
CA VAL A 84 11.68 11.91 2.00
C VAL A 84 10.79 11.25 3.05
N SER A 85 10.20 10.11 2.72
CA SER A 85 9.34 9.41 3.66
C SER A 85 10.10 8.97 4.89
N SER A 86 11.32 8.45 4.71
CA SER A 86 12.10 7.95 5.83
C SER A 86 12.42 9.07 6.82
N ARG A 87 12.66 10.29 6.31
CA ARG A 87 12.95 11.41 7.20
C ARG A 87 11.72 11.81 8.00
N ILE A 88 10.54 11.74 7.39
CA ILE A 88 9.32 12.08 8.10
C ILE A 88 9.02 11.04 9.17
N MET A 89 9.30 9.77 8.88
CA MET A 89 9.10 8.72 9.88
C MET A 89 10.02 8.93 11.07
N ASN A 90 11.25 9.39 10.83
CA ASN A 90 12.16 9.67 11.92
C ASN A 90 11.66 10.82 12.79
N LEU A 91 10.92 11.77 12.19
CA LEU A 91 10.29 12.81 12.99
C LEU A 91 9.18 12.25 13.85
N LEU A 92 8.45 11.26 13.34
CA LEU A 92 7.34 10.67 14.08
C LEU A 92 7.82 9.83 15.27
N ARG A 93 9.05 9.33 15.21
CA ARG A 93 9.59 8.54 16.32
C ARG A 93 9.78 9.37 17.58
N GLU A 94 9.89 10.69 17.45
CA GLU A 94 10.12 11.56 18.60
C GLU A 94 8.90 11.70 19.49
N TYR A 95 7.72 11.22 19.05
CA TYR A 95 6.49 11.40 19.79
C TYR A 95 5.97 10.13 20.45
N SER A 96 6.44 8.96 20.02
CA SER A 96 6.06 7.69 20.61
C SER A 96 7.00 6.60 20.13
N GLU A 97 7.48 5.74 21.03
CA GLU A 97 8.36 4.67 20.58
C GLU A 97 7.59 3.44 20.12
N LYS A 98 6.31 3.35 20.44
CA LYS A 98 5.42 2.38 19.82
C LYS A 98 4.90 3.01 18.52
N ILE A 99 5.57 2.72 17.41
CA ILE A 99 5.16 3.26 16.12
C ILE A 99 5.18 2.13 15.10
N GLU A 100 4.14 2.08 14.25
CA GLU A 100 3.97 1.05 13.24
C GLU A 100 3.96 1.71 11.87
N ILE A 101 5.03 1.52 11.11
CA ILE A 101 5.13 2.08 9.76
C ILE A 101 4.39 1.13 8.81
N ALA A 102 3.23 1.56 8.33
CA ALA A 102 2.37 0.70 7.53
C ALA A 102 2.73 0.69 6.05
N SER A 103 3.20 1.81 5.51
CA SER A 103 3.56 1.89 4.10
C SER A 103 4.48 3.08 3.91
N ILE A 104 4.66 3.50 2.66
CA ILE A 104 5.58 4.59 2.35
C ILE A 104 5.05 5.93 2.88
N ASP A 105 3.76 6.02 3.21
CA ASP A 105 3.22 7.29 3.68
C ASP A 105 2.22 7.11 4.82
N GLU A 106 2.31 6.01 5.58
CA GLU A 106 1.39 5.76 6.67
C GLU A 106 2.16 5.29 7.90
N ALA A 107 1.71 5.72 9.08
CA ALA A 107 2.34 5.32 10.32
C ALA A 107 1.33 5.40 11.45
N TYR A 108 1.27 4.36 12.28
CA TYR A 108 0.43 4.34 13.48
C TYR A 108 1.29 4.63 14.70
N LEU A 109 0.73 5.40 15.64
CA LEU A 109 1.42 5.76 16.87
C LEU A 109 0.53 5.44 18.06
N ASP A 110 1.04 4.64 19.00
CA ASP A 110 0.35 4.38 20.26
C ASP A 110 0.77 5.48 21.23
N ILE A 111 -0.13 6.44 21.46
CA ILE A 111 0.16 7.57 22.33
C ILE A 111 -0.62 7.44 23.64
N SER A 112 -0.88 6.20 24.06
CA SER A 112 -1.63 5.98 25.29
C SER A 112 -0.86 6.49 26.51
N ASP A 113 0.46 6.41 26.49
CA ASP A 113 1.30 6.83 27.60
C ASP A 113 1.78 8.27 27.47
N LYS A 114 1.33 9.01 26.45
CA LYS A 114 1.78 10.36 26.20
C LYS A 114 0.70 11.42 26.36
N VAL A 115 -0.58 11.05 26.31
CA VAL A 115 -1.68 12.00 26.48
C VAL A 115 -2.72 11.37 27.40
N ARG A 116 -3.58 12.23 27.96
CA ARG A 116 -4.58 11.77 28.91
C ARG A 116 -5.92 11.44 28.24
N ASP A 117 -6.40 12.33 27.36
CA ASP A 117 -7.69 12.12 26.70
C ASP A 117 -7.57 12.52 25.24
N TYR A 118 -8.72 12.59 24.56
CA TYR A 118 -8.75 12.89 23.14
C TYR A 118 -8.44 14.36 22.86
N ARG A 119 -8.75 15.25 23.80
CA ARG A 119 -8.41 16.66 23.61
C ARG A 119 -6.89 16.85 23.58
N GLU A 120 -6.17 16.10 24.42
CA GLU A 120 -4.71 16.19 24.40
C GLU A 120 -4.13 15.46 23.19
N ALA A 121 -4.72 14.31 22.83
CA ALA A 121 -4.31 13.63 21.61
C ALA A 121 -4.54 14.50 20.39
N TYR A 122 -5.65 15.23 20.36
CA TYR A 122 -5.88 16.20 19.29
C TYR A 122 -4.72 17.19 19.21
N ASN A 123 -4.41 17.85 20.33
CA ASN A 123 -3.34 18.85 20.34
C ASN A 123 -2.01 18.27 19.90
N LEU A 124 -1.74 17.01 20.28
CA LEU A 124 -0.52 16.36 19.83
C LEU A 124 -0.52 16.17 18.31
N GLY A 125 -1.71 15.97 17.73
CA GLY A 125 -1.80 15.88 16.28
C GLY A 125 -1.45 17.18 15.58
N LEU A 126 -1.92 18.31 16.13
CA LEU A 126 -1.51 19.61 15.60
C LEU A 126 0.00 19.78 15.69
N GLU A 127 0.58 19.43 16.83
CA GLU A 127 2.02 19.56 17.02
C GLU A 127 2.80 18.69 16.02
N ILE A 128 2.25 17.52 15.69
CA ILE A 128 2.91 16.65 14.73
C ILE A 128 2.77 17.19 13.33
N LYS A 129 1.58 17.68 12.97
CA LYS A 129 1.38 18.28 11.65
C LYS A 129 2.27 19.49 11.45
N ASN A 130 2.35 20.36 12.46
CA ASN A 130 3.17 21.56 12.33
C ASN A 130 4.66 21.22 12.27
N LYS A 131 5.08 20.17 12.97
CA LYS A 131 6.49 19.79 12.93
C LYS A 131 6.88 19.25 11.56
N ILE A 132 6.00 18.47 10.93
CA ILE A 132 6.29 17.94 9.60
C ILE A 132 6.29 19.05 8.56
N LEU A 133 5.31 19.97 8.66
CA LEU A 133 5.27 21.09 7.72
C LEU A 133 6.45 22.03 7.93
N GLU A 134 7.00 22.09 9.14
CA GLU A 134 8.13 22.95 9.41
C GLU A 134 9.44 22.34 8.90
N LYS A 135 9.61 21.03 9.06
CA LYS A 135 10.87 20.39 8.72
C LYS A 135 10.95 20.02 7.25
N GLU A 136 9.86 19.52 6.67
CA GLU A 136 9.87 19.03 5.30
C GLU A 136 8.85 19.71 4.40
N LYS A 137 8.02 20.61 4.93
CA LYS A 137 7.02 21.33 4.14
C LYS A 137 6.05 20.37 3.46
N ILE A 138 5.66 19.32 4.18
CA ILE A 138 4.71 18.32 3.69
C ILE A 138 3.48 18.36 4.58
N THR A 139 2.30 18.48 3.97
CA THR A 139 1.05 18.42 4.70
C THR A 139 0.60 16.97 4.83
N VAL A 140 0.03 16.65 6.00
CA VAL A 140 -0.41 15.29 6.30
C VAL A 140 -1.80 15.35 6.93
N THR A 141 -2.36 14.17 7.17
CA THR A 141 -3.67 14.02 7.78
C THR A 141 -3.54 13.15 9.02
N VAL A 142 -4.15 13.58 10.12
CA VAL A 142 -4.08 12.90 11.40
C VAL A 142 -5.43 12.30 11.73
N GLY A 143 -5.45 11.02 12.08
CA GLY A 143 -6.64 10.37 12.57
C GLY A 143 -6.43 9.79 13.96
N ILE A 144 -7.35 10.03 14.87
CA ILE A 144 -7.20 9.64 16.27
C ILE A 144 -8.45 8.91 16.72
N SER A 145 -8.27 7.74 17.32
CA SER A 145 -9.39 6.96 17.85
C SER A 145 -8.84 5.95 18.85
N LYS A 146 -9.65 4.95 19.19
CA LYS A 146 -9.30 3.97 20.21
C LYS A 146 -8.58 2.74 19.67
N ASN A 147 -8.59 2.52 18.35
CA ASN A 147 -7.83 1.43 17.75
C ASN A 147 -7.31 1.89 16.39
N LYS A 148 -6.57 1.00 15.72
CA LYS A 148 -5.94 1.36 14.46
C LYS A 148 -6.96 1.51 13.34
N VAL A 149 -7.99 0.66 13.33
CA VAL A 149 -8.96 0.69 12.23
C VAL A 149 -9.70 2.02 12.20
N PHE A 150 -10.24 2.44 13.35
CA PHE A 150 -10.98 3.69 13.39
C PHE A 150 -10.07 4.92 13.34
N ALA A 151 -8.80 4.78 13.70
CA ALA A 151 -7.86 5.88 13.51
C ALA A 151 -7.60 6.13 12.02
N LYS A 152 -7.54 5.06 11.23
CA LYS A 152 -7.40 5.21 9.79
C LYS A 152 -8.68 5.75 9.17
N ILE A 153 -9.83 5.25 9.62
CA ILE A 153 -11.10 5.79 9.14
C ILE A 153 -11.19 7.28 9.44
N ALA A 154 -10.76 7.68 10.64
CA ALA A 154 -10.77 9.11 11.00
C ALA A 154 -9.97 9.93 10.00
N ALA A 155 -8.80 9.44 9.59
CA ALA A 155 -7.99 10.17 8.63
C ALA A 155 -8.63 10.20 7.25
N ASP A 156 -9.34 9.13 6.89
CA ASP A 156 -10.04 9.12 5.60
C ASP A 156 -11.16 10.16 5.57
N MET A 157 -11.77 10.46 6.72
CA MET A 157 -12.89 11.40 6.76
C MET A 157 -12.44 12.84 6.56
N ALA A 158 -11.29 13.21 7.13
CA ALA A 158 -10.80 14.58 7.08
C ALA A 158 -9.55 14.71 6.21
N LYS A 159 -9.47 13.88 5.16
CA LYS A 159 -8.23 13.58 4.47
C LYS A 159 -7.42 14.82 4.09
N PRO A 160 -7.85 15.66 3.15
CA PRO A 160 -6.92 16.68 2.63
C PRO A 160 -6.47 17.69 3.68
N ASN A 161 -5.30 17.45 4.28
CA ASN A 161 -4.69 18.34 5.27
C ASN A 161 -5.66 18.59 6.44
N GLY A 162 -5.92 17.52 7.19
CA GLY A 162 -6.92 17.57 8.23
C GLY A 162 -6.49 16.79 9.46
N ILE A 163 -7.38 16.82 10.45
CA ILE A 163 -7.20 16.11 11.72
C ILE A 163 -8.58 15.86 12.32
N LYS A 164 -8.85 14.63 12.74
CA LYS A 164 -10.19 14.22 13.12
C LYS A 164 -10.12 13.19 14.24
N VAL A 165 -11.02 13.32 15.21
CA VAL A 165 -11.13 12.40 16.33
C VAL A 165 -12.46 11.65 16.20
N ILE A 166 -12.41 10.33 16.35
CA ILE A 166 -13.60 9.50 16.43
C ILE A 166 -13.66 8.97 17.86
N ASP A 167 -14.48 9.60 18.70
CA ASP A 167 -14.57 9.20 20.09
C ASP A 167 -15.40 7.93 20.22
N ASP A 168 -15.53 7.44 21.46
CA ASP A 168 -16.23 6.19 21.70
C ASP A 168 -17.71 6.29 21.31
N GLU A 169 -18.29 7.49 21.37
CA GLU A 169 -19.68 7.64 20.98
C GLU A 169 -19.85 7.55 19.47
N GLU A 170 -18.95 8.19 18.72
CA GLU A 170 -19.03 8.11 17.26
C GLU A 170 -18.62 6.72 16.76
N VAL A 171 -17.74 6.04 17.49
CA VAL A 171 -17.38 4.66 17.13
C VAL A 171 -18.64 3.79 17.11
N LYS A 172 -19.52 3.95 18.09
CA LYS A 172 -20.73 3.15 18.14
C LYS A 172 -21.68 3.53 17.00
N ARG A 173 -21.77 4.82 16.68
CA ARG A 173 -22.61 5.23 15.55
C ARG A 173 -22.08 4.66 14.24
N LEU A 174 -20.76 4.68 14.05
CA LEU A 174 -20.19 4.16 12.81
C LEU A 174 -20.40 2.65 12.70
N ILE A 175 -20.39 1.93 13.81
CA ILE A 175 -20.71 0.50 13.78
C ILE A 175 -22.12 0.29 13.24
N ARG A 176 -23.02 1.25 13.50
CA ARG A 176 -24.40 1.15 13.01
C ARG A 176 -24.57 1.72 11.61
N GLU A 177 -23.86 2.80 11.27
CA GLU A 177 -24.18 3.57 10.07
C GLU A 177 -23.09 3.59 9.01
N LEU A 178 -21.83 3.38 9.37
CA LEU A 178 -20.76 3.39 8.37
C LEU A 178 -20.92 2.22 7.41
N ASP A 179 -20.90 2.52 6.11
CA ASP A 179 -21.01 1.47 5.11
C ASP A 179 -19.80 0.55 5.19
N ILE A 180 -20.07 -0.76 5.28
CA ILE A 180 -19.02 -1.71 5.61
C ILE A 180 -17.94 -1.80 4.54
N ALA A 181 -18.22 -1.32 3.32
CA ALA A 181 -17.20 -1.31 2.28
C ALA A 181 -16.08 -0.33 2.59
N ASP A 182 -16.33 0.67 3.44
CA ASP A 182 -15.31 1.63 3.84
C ASP A 182 -14.48 1.17 5.02
N VAL A 183 -14.68 -0.05 5.50
CA VAL A 183 -13.83 -0.61 6.55
C VAL A 183 -12.53 -1.11 5.92
N PRO A 184 -11.38 -0.71 6.44
CA PRO A 184 -10.11 -1.18 5.86
C PRO A 184 -10.04 -2.70 5.83
N GLY A 185 -9.64 -3.23 4.67
CA GLY A 185 -9.59 -4.66 4.46
C GLY A 185 -10.77 -5.24 3.72
N ILE A 186 -11.75 -4.43 3.34
CA ILE A 186 -12.93 -4.89 2.63
C ILE A 186 -12.86 -4.31 1.22
N GLY A 187 -12.38 -5.12 0.27
CA GLY A 187 -12.38 -4.74 -1.12
C GLY A 187 -13.70 -5.06 -1.79
N ASN A 188 -13.74 -4.81 -3.11
CA ASN A 188 -15.00 -4.97 -3.84
C ASN A 188 -15.49 -6.40 -3.83
N ILE A 189 -14.57 -7.37 -3.91
CA ILE A 189 -14.98 -8.76 -4.00
C ILE A 189 -15.50 -9.27 -2.66
N THR A 190 -14.90 -8.80 -1.56
CA THR A 190 -15.44 -9.13 -0.24
C THR A 190 -16.68 -8.29 0.06
N ALA A 191 -16.70 -7.03 -0.37
CA ALA A 191 -17.88 -6.19 -0.18
C ALA A 191 -19.09 -6.79 -0.89
N GLU A 192 -18.95 -7.07 -2.18
CA GLU A 192 -20.05 -7.69 -2.93
C GLU A 192 -20.43 -9.02 -2.32
N LYS A 193 -19.49 -9.69 -1.65
CA LYS A 193 -19.83 -10.89 -0.89
C LYS A 193 -20.61 -10.56 0.38
N LEU A 194 -20.40 -9.38 0.97
CA LEU A 194 -21.22 -9.02 2.11
C LEU A 194 -22.61 -8.58 1.67
N LYS A 195 -22.70 -7.85 0.55
CA LYS A 195 -24.00 -7.39 0.07
C LYS A 195 -24.93 -8.56 -0.25
N LYS A 196 -24.43 -9.56 -0.96
CA LYS A 196 -25.28 -10.69 -1.32
C LYS A 196 -25.75 -11.44 -0.08
N LEU A 197 -25.06 -11.29 1.05
CA LEU A 197 -25.55 -11.76 2.34
C LEU A 197 -26.45 -10.75 3.02
N GLY A 198 -26.60 -9.54 2.45
CA GLY A 198 -27.42 -8.51 3.04
C GLY A 198 -26.70 -7.63 4.03
N ILE A 199 -25.40 -7.83 4.24
CA ILE A 199 -24.64 -7.07 5.23
C ILE A 199 -24.14 -5.78 4.59
N ASN A 200 -24.59 -4.64 5.13
CA ASN A 200 -24.11 -3.33 4.71
C ASN A 200 -23.47 -2.53 5.84
N LYS A 201 -23.69 -2.90 7.09
CA LYS A 201 -23.07 -2.26 8.24
C LYS A 201 -22.37 -3.31 9.08
N LEU A 202 -21.47 -2.85 9.94
CA LEU A 202 -20.75 -3.77 10.82
C LEU A 202 -21.70 -4.51 11.76
N VAL A 203 -22.75 -3.82 12.22
CA VAL A 203 -23.69 -4.41 13.17
C VAL A 203 -24.41 -5.61 12.56
N ASP A 204 -24.49 -5.70 11.23
CA ASP A 204 -25.16 -6.82 10.58
C ASP A 204 -24.43 -8.13 10.82
N THR A 205 -23.11 -8.09 11.04
CA THR A 205 -22.35 -9.32 11.27
C THR A 205 -22.67 -9.96 12.60
N LEU A 206 -23.28 -9.23 13.54
CA LEU A 206 -23.62 -9.79 14.84
C LEU A 206 -24.93 -10.57 14.82
N SER A 207 -25.83 -10.28 13.88
CA SER A 207 -27.09 -11.00 13.78
C SER A 207 -26.99 -12.26 12.94
N ILE A 208 -26.08 -12.27 11.96
CA ILE A 208 -25.93 -13.43 11.09
C ILE A 208 -25.20 -14.55 11.84
N GLU A 209 -25.43 -15.78 11.41
CA GLU A 209 -24.71 -16.91 11.95
C GLU A 209 -23.26 -16.88 11.49
N PHE A 210 -22.35 -17.29 12.38
CA PHE A 210 -20.92 -17.16 12.10
C PHE A 210 -20.49 -17.99 10.90
N ASP A 211 -20.88 -19.27 10.88
CA ASP A 211 -20.44 -20.17 9.82
C ASP A 211 -21.00 -19.76 8.46
N LYS A 212 -22.21 -19.17 8.44
CA LYS A 212 -22.73 -18.65 7.19
C LYS A 212 -21.89 -17.48 6.69
N LEU A 213 -21.34 -16.68 7.61
CA LEU A 213 -20.42 -15.62 7.22
C LEU A 213 -19.01 -16.16 7.00
N LYS A 214 -18.56 -17.06 7.87
CA LYS A 214 -17.22 -17.62 7.75
C LYS A 214 -17.06 -18.40 6.45
N GLY A 215 -18.04 -19.23 6.13
CA GLY A 215 -17.92 -20.15 5.01
C GLY A 215 -17.77 -19.53 3.63
N MET A 216 -17.46 -18.22 3.55
CA MET A 216 -17.53 -17.58 2.24
C MET A 216 -16.79 -16.25 2.20
N ILE A 217 -16.47 -15.67 3.36
CA ILE A 217 -15.43 -14.64 3.43
C ILE A 217 -14.20 -15.12 4.17
N GLY A 218 -14.26 -16.27 4.81
CA GLY A 218 -13.14 -16.82 5.54
C GLY A 218 -13.26 -16.60 7.03
N GLU A 219 -12.48 -17.38 7.79
CA GLU A 219 -12.54 -17.28 9.24
C GLU A 219 -11.91 -15.99 9.74
N ALA A 220 -10.81 -15.54 9.10
CA ALA A 220 -10.09 -14.37 9.60
C ALA A 220 -10.91 -13.10 9.44
N LYS A 221 -11.43 -12.86 8.24
CA LYS A 221 -12.22 -11.66 8.01
C LYS A 221 -13.51 -11.66 8.83
N ALA A 222 -14.07 -12.84 9.08
CA ALA A 222 -15.27 -12.92 9.90
C ALA A 222 -14.99 -12.52 11.34
N LYS A 223 -13.96 -13.13 11.95
CA LYS A 223 -13.56 -12.72 13.29
C LYS A 223 -13.16 -11.25 13.33
N TYR A 224 -12.52 -10.77 12.27
CA TYR A 224 -12.07 -9.38 12.22
C TYR A 224 -13.24 -8.42 12.21
N LEU A 225 -14.27 -8.71 11.41
CA LEU A 225 -15.43 -7.82 11.35
C LEU A 225 -16.29 -7.93 12.59
N ILE A 226 -16.39 -9.14 13.16
CA ILE A 226 -17.19 -9.34 14.37
C ILE A 226 -16.58 -8.58 15.54
N SER A 227 -15.26 -8.68 15.71
CA SER A 227 -14.60 -7.98 16.80
C SER A 227 -14.72 -6.47 16.64
N LEU A 228 -14.69 -5.97 15.39
CA LEU A 228 -14.95 -4.56 15.16
C LEU A 228 -16.38 -4.20 15.53
N ALA A 229 -17.34 -5.04 15.14
CA ALA A 229 -18.74 -4.75 15.42
C ALA A 229 -19.05 -4.80 16.91
N ARG A 230 -18.34 -5.63 17.66
CA ARG A 230 -18.50 -5.70 19.11
C ARG A 230 -17.76 -4.60 19.84
N ASP A 231 -17.07 -3.71 19.13
CA ASP A 231 -16.20 -2.69 19.73
C ASP A 231 -15.17 -3.34 20.64
N GLU A 232 -14.59 -4.46 20.19
CA GLU A 232 -13.59 -5.17 20.96
C GLU A 232 -12.28 -5.38 20.18
N TYR A 233 -12.16 -4.80 18.99
CA TYR A 233 -10.90 -4.85 18.26
C TYR A 233 -9.86 -4.00 18.97
N ASN A 234 -8.67 -4.55 19.15
CA ASN A 234 -7.60 -3.80 19.81
C ASN A 234 -6.23 -4.40 19.51
N GLU A 235 -5.90 -4.54 18.23
CA GLU A 235 -4.58 -5.02 17.85
C GLU A 235 -3.52 -3.99 18.24
N PRO A 236 -2.40 -4.42 18.81
CA PRO A 236 -1.40 -3.46 19.28
C PRO A 236 -0.54 -2.93 18.14
N ILE A 237 0.04 -1.75 18.38
CA ILE A 237 0.99 -1.18 17.45
C ILE A 237 2.25 -2.03 17.46
N ARG A 238 2.66 -2.49 16.28
CA ARG A 238 3.78 -3.42 16.16
C ARG A 238 4.79 -2.90 15.15
N THR A 239 6.07 -3.08 15.45
CA THR A 239 7.12 -2.75 14.50
C THR A 239 7.07 -3.74 13.34
N ARG A 240 6.90 -3.21 12.13
CA ARG A 240 6.77 -4.04 10.95
C ARG A 240 8.13 -4.24 10.29
N VAL A 241 8.41 -5.49 9.89
CA VAL A 241 9.69 -5.87 9.31
C VAL A 241 9.44 -6.31 7.87
N ARG A 242 10.25 -5.79 6.95
CA ARG A 242 10.14 -6.19 5.55
C ARG A 242 10.39 -7.68 5.40
N LYS A 243 9.42 -8.39 4.85
CA LYS A 243 9.49 -9.85 4.73
C LYS A 243 9.83 -10.33 3.34
N SER A 244 9.71 -9.48 2.31
CA SER A 244 10.07 -9.88 0.97
C SER A 244 10.52 -8.67 0.18
N ILE A 245 11.38 -8.92 -0.81
CA ILE A 245 11.91 -7.88 -1.70
C ILE A 245 11.98 -8.46 -3.10
N GLY A 246 11.44 -7.73 -4.07
CA GLY A 246 11.40 -8.25 -5.42
C GLY A 246 11.27 -7.13 -6.44
N ARG A 247 11.28 -7.55 -7.71
CA ARG A 247 11.17 -6.62 -8.83
C ARG A 247 10.62 -7.37 -10.03
N ILE A 248 9.62 -6.79 -10.69
CA ILE A 248 9.04 -7.35 -11.90
C ILE A 248 9.10 -6.28 -12.99
N VAL A 249 9.49 -6.67 -14.20
CA VAL A 249 9.60 -5.76 -15.32
C VAL A 249 8.68 -6.23 -16.43
N THR A 250 8.08 -5.27 -17.12
CA THR A 250 7.26 -5.57 -18.29
C THR A 250 8.18 -5.79 -19.50
N MET A 251 7.97 -6.89 -20.21
CA MET A 251 8.73 -7.16 -21.41
C MET A 251 8.15 -6.38 -22.59
N LYS A 252 9.03 -6.03 -23.54
CA LYS A 252 8.60 -5.26 -24.69
C LYS A 252 7.50 -5.96 -25.48
N ARG A 253 7.44 -7.29 -25.42
CA ARG A 253 6.42 -8.05 -26.10
C ARG A 253 6.21 -9.37 -25.35
N ASN A 254 4.99 -9.87 -25.38
CA ASN A 254 4.69 -11.15 -24.76
C ASN A 254 5.53 -12.25 -25.42
N SER A 255 5.88 -13.25 -24.62
CA SER A 255 6.78 -14.29 -25.11
C SER A 255 6.66 -15.53 -24.24
N ARG A 256 6.95 -16.68 -24.85
CA ARG A 256 7.16 -17.94 -24.15
C ARG A 256 8.53 -18.52 -24.47
N ASN A 257 9.43 -17.72 -25.01
CA ASN A 257 10.77 -18.16 -25.39
C ASN A 257 11.73 -17.91 -24.25
N LEU A 258 12.49 -18.95 -23.89
CA LEU A 258 13.37 -18.87 -22.72
C LEU A 258 14.46 -17.82 -22.91
N GLU A 259 15.16 -17.88 -24.04
CA GLU A 259 16.28 -16.98 -24.27
C GLU A 259 15.84 -15.52 -24.41
N GLU A 260 14.59 -15.28 -24.80
CA GLU A 260 14.09 -13.91 -24.88
C GLU A 260 13.71 -13.37 -23.51
N ILE A 261 13.19 -14.23 -22.63
CA ILE A 261 12.76 -13.78 -21.30
C ILE A 261 13.95 -13.62 -20.36
N LYS A 262 14.98 -14.46 -20.51
CA LYS A 262 16.09 -14.46 -19.57
C LYS A 262 16.74 -13.10 -19.34
N PRO A 263 16.97 -12.24 -20.35
CA PRO A 263 17.54 -10.91 -20.03
C PRO A 263 16.70 -10.10 -19.07
N TYR A 264 15.37 -10.10 -19.23
CA TYR A 264 14.51 -9.41 -18.29
C TYR A 264 14.58 -10.03 -16.89
N LEU A 265 14.58 -11.37 -16.83
CA LEU A 265 14.67 -12.05 -15.55
C LEU A 265 15.98 -11.72 -14.84
N PHE A 266 17.10 -11.71 -15.58
CA PHE A 266 18.39 -11.42 -14.97
C PHE A 266 18.49 -9.97 -14.54
N ARG A 267 17.87 -9.05 -15.29
CA ARG A 267 17.83 -7.66 -14.87
C ARG A 267 17.04 -7.50 -13.58
N ALA A 268 15.91 -8.19 -13.47
CA ALA A 268 15.13 -8.15 -12.24
C ALA A 268 15.91 -8.69 -11.06
N ILE A 269 16.75 -9.71 -11.29
CA ILE A 269 17.56 -10.28 -10.21
C ILE A 269 18.60 -9.28 -9.74
N GLU A 270 19.32 -8.66 -10.67
CA GLU A 270 20.35 -7.69 -10.31
C GLU A 270 19.75 -6.54 -9.49
N GLU A 271 18.63 -5.99 -9.95
CA GLU A 271 18.00 -4.89 -9.21
C GLU A 271 17.44 -5.37 -7.88
N SER A 272 16.89 -6.60 -7.84
CA SER A 272 16.40 -7.14 -6.58
C SER A 272 17.52 -7.34 -5.58
N TYR A 273 18.68 -7.80 -6.05
CA TYR A 273 19.82 -8.00 -5.16
C TYR A 273 20.38 -6.68 -4.66
N TYR A 274 20.35 -5.64 -5.49
CA TYR A 274 20.76 -4.32 -5.03
C TYR A 274 19.82 -3.80 -3.94
N LYS A 275 18.52 -4.05 -4.09
CA LYS A 275 17.57 -3.63 -3.06
C LYS A 275 17.70 -4.44 -1.78
N LEU A 276 18.28 -5.65 -1.85
CA LEU A 276 18.44 -6.46 -0.65
C LEU A 276 19.26 -5.72 0.40
N ASP A 277 20.39 -5.14 0.00
CA ASP A 277 21.22 -4.28 0.84
C ASP A 277 21.49 -4.93 2.20
N LYS A 278 22.58 -5.68 2.29
CA LYS A 278 22.72 -6.72 3.32
C LYS A 278 21.55 -7.67 3.09
N ARG A 279 21.05 -8.32 4.14
CA ARG A 279 19.94 -9.26 4.05
C ARG A 279 20.25 -10.44 3.12
N ILE A 280 20.29 -11.64 3.66
CA ILE A 280 20.57 -12.82 2.86
C ILE A 280 19.29 -13.65 2.77
N PRO A 281 18.65 -13.72 1.61
CA PRO A 281 17.44 -14.52 1.48
C PRO A 281 17.76 -16.00 1.35
N LYS A 282 16.85 -16.83 1.87
CA LYS A 282 16.95 -18.27 1.73
C LYS A 282 15.93 -18.84 0.76
N ALA A 283 14.97 -18.04 0.32
CA ALA A 283 13.98 -18.48 -0.65
C ALA A 283 13.94 -17.51 -1.82
N ILE A 284 13.70 -18.05 -3.01
CA ILE A 284 13.59 -17.27 -4.23
C ILE A 284 12.33 -17.69 -4.96
N HIS A 285 11.58 -16.72 -5.47
CA HIS A 285 10.35 -16.97 -6.21
C HIS A 285 10.42 -16.25 -7.55
N VAL A 286 10.28 -16.99 -8.63
CA VAL A 286 10.13 -16.41 -9.96
C VAL A 286 8.65 -16.17 -10.20
N VAL A 287 8.30 -14.93 -10.55
CA VAL A 287 6.91 -14.51 -10.69
C VAL A 287 6.70 -14.03 -12.12
N ALA A 288 5.68 -14.59 -12.78
CA ALA A 288 5.34 -14.24 -14.15
C ALA A 288 3.92 -13.69 -14.19
N VAL A 289 3.75 -12.57 -14.89
CA VAL A 289 2.43 -11.99 -15.14
C VAL A 289 2.05 -12.33 -16.58
N THR A 290 0.96 -13.08 -16.74
CA THR A 290 0.58 -13.62 -18.04
C THR A 290 -0.05 -12.54 -18.92
N GLU A 291 -0.58 -12.95 -20.07
CA GLU A 291 -1.25 -12.03 -20.97
C GLU A 291 -2.44 -11.37 -20.28
N ASP A 292 -3.25 -12.16 -19.59
CA ASP A 292 -4.45 -11.71 -18.92
C ASP A 292 -4.18 -11.07 -17.56
N LEU A 293 -2.95 -10.65 -17.32
CA LEU A 293 -2.54 -10.00 -16.07
C LEU A 293 -2.73 -10.91 -14.85
N ASP A 294 -2.85 -12.22 -15.08
CA ASP A 294 -2.81 -13.18 -14.00
C ASP A 294 -1.38 -13.34 -13.49
N ILE A 295 -1.25 -13.95 -12.31
CA ILE A 295 0.03 -14.06 -11.63
C ILE A 295 0.33 -15.53 -11.38
N VAL A 296 1.44 -16.01 -11.95
CA VAL A 296 1.93 -17.37 -11.74
C VAL A 296 3.30 -17.27 -11.07
N SER A 297 3.55 -18.17 -10.13
CA SER A 297 4.77 -18.10 -9.33
C SER A 297 5.28 -19.49 -9.00
N ARG A 298 6.59 -19.67 -9.11
CA ARG A 298 7.27 -20.89 -8.69
C ARG A 298 8.46 -20.52 -7.81
N GLY A 299 8.58 -21.19 -6.66
CA GLY A 299 9.56 -20.82 -5.66
C GLY A 299 10.44 -22.01 -5.26
N ARG A 300 11.39 -21.71 -4.37
CA ARG A 300 12.36 -22.67 -3.88
C ARG A 300 13.12 -22.07 -2.71
N THR A 301 13.17 -22.78 -1.58
CA THR A 301 13.89 -22.32 -0.40
C THR A 301 15.04 -23.26 -0.09
N PHE A 302 16.15 -22.69 0.38
CA PHE A 302 17.37 -23.42 0.65
C PHE A 302 17.65 -23.47 2.15
N PRO A 303 18.43 -24.45 2.61
CA PRO A 303 18.89 -24.44 4.00
C PRO A 303 19.91 -23.36 4.29
N HIS A 304 20.28 -22.56 3.30
CA HIS A 304 21.34 -21.56 3.43
C HIS A 304 20.92 -20.31 2.66
N GLY A 305 21.74 -19.27 2.76
CA GLY A 305 21.50 -18.08 1.97
C GLY A 305 21.73 -18.32 0.49
N ILE A 306 21.15 -17.45 -0.33
CA ILE A 306 21.18 -17.58 -1.78
C ILE A 306 22.15 -16.54 -2.33
N SER A 307 23.26 -17.01 -2.90
CA SER A 307 24.17 -16.12 -3.59
C SER A 307 23.56 -15.65 -4.91
N LYS A 308 24.12 -14.57 -5.45
CA LYS A 308 23.60 -14.03 -6.71
C LYS A 308 23.73 -15.05 -7.83
N GLU A 309 24.83 -15.81 -7.85
CA GLU A 309 25.00 -16.83 -8.89
C GLU A 309 23.96 -17.94 -8.72
N THR A 310 23.73 -18.39 -7.49
CA THR A 310 22.70 -19.39 -7.24
C THR A 310 21.32 -18.86 -7.64
N ALA A 311 21.07 -17.57 -7.38
CA ALA A 311 19.80 -16.97 -7.80
C ALA A 311 19.66 -16.99 -9.31
N TYR A 312 20.76 -16.77 -10.03
CA TYR A 312 20.73 -16.79 -11.50
C TYR A 312 20.31 -18.17 -12.02
N SER A 313 21.04 -19.21 -11.62
CA SER A 313 20.78 -20.54 -12.18
C SER A 313 19.47 -21.12 -11.67
N GLU A 314 19.09 -20.83 -10.42
CA GLU A 314 17.85 -21.38 -9.90
C GLU A 314 16.63 -20.70 -10.51
N SER A 315 16.74 -19.42 -10.85
CA SER A 315 15.61 -18.71 -11.46
C SER A 315 15.29 -19.24 -12.84
N VAL A 316 16.32 -19.65 -13.60
CA VAL A 316 16.08 -20.23 -14.91
C VAL A 316 15.32 -21.54 -14.79
N LYS A 317 15.71 -22.38 -13.81
CA LYS A 317 15.02 -23.64 -13.61
C LYS A 317 13.58 -23.42 -13.13
N LEU A 318 13.36 -22.39 -12.31
CA LEU A 318 12.01 -22.06 -11.91
C LEU A 318 11.21 -21.44 -13.04
N LEU A 319 11.87 -20.69 -13.93
CA LEU A 319 11.19 -20.14 -15.10
C LEU A 319 10.74 -21.25 -16.05
N GLN A 320 11.63 -22.21 -16.32
CA GLN A 320 11.24 -23.36 -17.12
C GLN A 320 10.05 -24.08 -16.52
N LYS A 321 10.00 -24.17 -15.20
CA LYS A 321 8.87 -24.79 -14.52
C LYS A 321 7.58 -24.04 -14.78
N ILE A 322 7.65 -22.72 -14.98
CA ILE A 322 6.45 -21.95 -15.28
C ILE A 322 6.00 -22.18 -16.71
N LEU A 323 6.95 -22.19 -17.66
CA LEU A 323 6.59 -22.48 -19.04
C LEU A 323 6.03 -23.89 -19.20
N GLU A 324 6.43 -24.82 -18.33
CA GLU A 324 5.93 -26.19 -18.42
C GLU A 324 4.47 -26.28 -17.97
N GLU A 325 4.19 -25.79 -16.77
CA GLU A 325 2.90 -26.02 -16.12
C GLU A 325 1.86 -24.96 -16.46
N ASP A 326 2.21 -23.97 -17.28
CA ASP A 326 1.24 -23.01 -17.80
C ASP A 326 1.59 -22.71 -19.25
N GLU A 327 0.56 -22.39 -20.03
CA GLU A 327 0.72 -22.19 -21.46
C GLU A 327 0.36 -20.78 -21.92
N ARG A 328 -0.12 -19.92 -21.02
CA ARG A 328 -0.33 -18.53 -21.36
C ARG A 328 1.01 -17.82 -21.55
N LYS A 329 1.06 -16.92 -22.53
CA LYS A 329 2.28 -16.17 -22.76
C LYS A 329 2.52 -15.19 -21.62
N ILE A 330 3.80 -14.96 -21.32
CA ILE A 330 4.19 -14.12 -20.20
C ILE A 330 4.29 -12.68 -20.67
N ARG A 331 3.74 -11.75 -19.86
CA ARG A 331 3.84 -10.33 -20.14
C ARG A 331 4.87 -9.64 -19.26
N ARG A 332 4.84 -9.90 -17.95
CA ARG A 332 5.84 -9.40 -17.03
C ARG A 332 6.52 -10.58 -16.35
N ILE A 333 7.84 -10.48 -16.20
CA ILE A 333 8.63 -11.49 -15.51
C ILE A 333 9.44 -10.82 -14.42
N GLY A 334 9.55 -11.49 -13.28
CA GLY A 334 10.27 -10.92 -12.16
C GLY A 334 10.68 -11.97 -11.17
N VAL A 335 11.15 -11.51 -10.01
CA VAL A 335 11.66 -12.37 -8.96
C VAL A 335 11.31 -11.76 -7.62
N ARG A 336 11.25 -12.59 -6.58
CA ARG A 336 11.01 -12.13 -5.23
C ARG A 336 11.83 -12.98 -4.26
N PHE A 337 12.45 -12.31 -3.29
CA PHE A 337 13.27 -12.97 -2.29
C PHE A 337 12.66 -12.78 -0.91
N SER A 338 12.80 -13.79 -0.07
CA SER A 338 12.23 -13.76 1.28
C SER A 338 13.02 -14.72 2.17
N LYS A 339 12.55 -14.90 3.40
CA LYS A 339 13.18 -15.74 4.42
C LYS A 339 14.65 -15.32 4.62
N PHE A 340 14.80 -14.13 5.18
CA PHE A 340 16.10 -13.53 5.38
C PHE A 340 16.79 -14.14 6.60
N ILE A 341 18.13 -14.17 6.55
CA ILE A 341 18.92 -14.69 7.65
C ILE A 341 18.87 -13.75 8.84
CA CA D . -1.81 6.11 2.61
CA CA E . -1.77 9.46 1.57
CA CA F . -13.27 -0.61 0.23
N1 DCP G . 0.24 4.53 -4.92
C2 DCP G . 0.56 3.74 -6.03
N3 DCP G . -0.40 2.99 -6.62
C4 DCP G . -1.67 3.00 -6.15
C5 DCP G . -1.99 3.78 -5.05
C6 DCP G . -1.01 4.55 -4.45
O2 DCP G . 1.73 3.73 -6.49
N4 DCP G . -2.62 2.24 -6.75
C1' DCP G . 1.27 5.36 -4.28
C2' DCP G . 1.07 6.81 -4.68
C3' DCP G . 0.69 7.55 -3.42
C4' DCP G . 1.12 6.61 -2.28
O4' DCP G . 1.15 5.29 -2.86
O3' DCP G . 1.36 8.80 -3.32
C5' DCP G . 0.10 6.65 -1.15
O5' DCP G . -1.19 6.46 -1.72
PA DCP G . -2.51 6.93 -0.94
O1A DCP G . -3.52 5.81 -1.05
O2A DCP G . -2.15 7.47 0.42
O3A DCP G . -3.01 8.12 -1.91
PB DCP G . -2.33 9.59 -1.93
O1B DCP G . -1.72 9.78 -3.29
O2B DCP G . -1.47 9.83 -0.72
O3B DCP G . -3.67 10.49 -1.87
PG DCP G . -4.33 10.95 -0.48
O1G DCP G . -5.82 10.87 -0.76
O2G DCP G . -3.85 9.95 0.53
O3G DCP G . -3.81 12.35 -0.28
#